data_7XLW
#
_entry.id   7XLW
#
_cell.length_a   28.232
_cell.length_b   49.663
_cell.length_c   55.885
_cell.angle_alpha   74.030
_cell.angle_beta   90.370
_cell.angle_gamma   83.730
#
_symmetry.space_group_name_H-M   'P 1'
#
loop_
_entity.id
_entity.type
_entity.pdbx_description
1 polymer "DNA (5'-D(*CP*AP*CP*CP*TP*AP*IP*CP*IP*A)-3')"
2 non-polymer 'SILVER ION'
3 water water
#
_entity_poly.entity_id   1
_entity_poly.type   'polydeoxyribonucleotide'
_entity_poly.pdbx_seq_one_letter_code
;(DC)(DA)(DC)(DC)(DT)(DA)(DI)(DC)(DI)(DA)
;
_entity_poly.pdbx_strand_id   A,B,C,D,E,F,G,H,I,J,K,L
#
loop_
_chem_comp.id
_chem_comp.type
_chem_comp.name
_chem_comp.formula
AG non-polymer 'SILVER ION' 'Ag 1'
DA DNA linking 2'-DEOXYADENOSINE-5'-MONOPHOSPHATE 'C10 H14 N5 O6 P'
DC DNA linking 2'-DEOXYCYTIDINE-5'-MONOPHOSPHATE 'C9 H14 N3 O7 P'
DI DNA linking 2'-DEOXYINOSINE-5'-MONOPHOSPHATE 'C10 H13 N4 O7 P'
DT DNA linking THYMIDINE-5'-MONOPHOSPHATE 'C10 H15 N2 O8 P'
#
# COMPACT_ATOMS: atom_id res chain seq x y z
AG AG M . -2.44 -9.53 17.32
AG AG N . -4.78 -8.13 16.69
AG AG O . -7.27 -6.78 16.17
AG AG P . -10.06 -5.23 16.16
AG AG Q . -4.25 -10.98 15.98
AG AG R . -7.03 -9.53 15.70
AG AG S . -9.74 -7.79 15.12
AG AG T . -12.04 -6.19 14.59
AG AG U . -6.19 -4.06 15.38
AG AG V . -1.95 -10.24 14.66
AG AG W . -2.44 -7.63 15.32
AG AG X . -5.18 -6.32 14.47
AG AG Y . -10.77 -4.08 13.80
AG AG Z . -4.60 -9.04 14.00
AG AG AA . -7.31 -7.80 13.58
AG AG BA . -10.08 -6.56 12.70
AG AG CA . -8.20 -5.17 14.04
AG AG DA . -9.17 -10.18 14.24
AG AG EA . 0.47 -1.37 -9.97
AG AG FA . -2.00 -0.08 -10.44
AG AG GA . -4.51 1.20 -10.77
AG AG HA . -7.44 2.48 -10.67
AG AG IA . -1.27 -2.77 -11.31
AG AG JA . -4.16 -1.42 -11.39
AG AG KA . -6.91 0.13 -11.87
AG AG LA . -9.42 1.48 -12.25
AG AG MA . -3.86 4.11 -11.67
AG AG NA . 0.86 -1.67 -12.68
AG AG OA . 0.33 0.78 -11.79
AG AG PA . -2.54 1.96 -12.49
AG AG QA . -8.33 3.85 -12.99
AG AG RA . -1.83 -0.65 -13.10
AG AG SA . -4.56 0.40 -13.41
AG AG TA . -7.37 1.52 -14.21
AG AG UA . -5.65 2.92 -12.79
AG AG VA . -6.32 -2.19 -12.85
AG AG WA . -12.38 15.78 13.72
AG AG XA . -10.20 14.18 12.84
AG AG YA . -7.97 12.62 11.98
AG AG ZA . -5.20 11.16 11.35
AG AG AB . -11.40 16.37 11.33
AG AG BB . -8.75 14.86 10.61
AG AG CB . -6.31 13.00 9.69
AG AG DB . -4.09 11.35 8.78
AG AG EB . -8.68 9.69 12.69
AG AG FB . -13.80 15.13 11.55
AG AG GB . -12.80 13.09 13.03
AG AG HB . -10.39 11.54 11.72
AG AG IB . -5.25 9.02 9.62
AG AG JB . -11.47 13.74 10.51
AG AG KB . -9.09 12.40 9.56
AG AG LB . -6.77 10.77 8.08
AG AG MB . -7.66 10.17 10.49
AG AG NB . -7.52 14.82 8.07
AG AG OB . -9.05 24.14 -11.90
AG AG PB . -7.13 22.35 -12.93
AG AG QB . -4.99 20.70 -13.89
AG AG RB . -2.34 18.99 -14.49
AG AG SB . -8.02 24.83 -14.32
AG AG TB . -5.55 23.06 -15.17
AG AG UB . -3.28 21.02 -16.16
AG AG VB . -1.20 19.28 -16.98
AG AG WB . -6.06 17.94 -13.11
AG AG XB . -10.60 24.00 -14.21
AG AG YB . -9.81 21.73 -12.85
AG AG ZB . -7.56 19.90 -14.25
AG AG AC . -2.62 17.02 -16.42
AG AG BC . -8.44 22.36 -15.39
AG AG CC . -6.12 20.78 -16.36
AG AG DC . -3.86 19.00 -17.92
AG AG EC . -4.91 18.32 -15.49
AG AG FC . -4.40 23.07 -17.63
AG AG GC . 9.87 -13.80 12.87
AG AG HC . 12.76 -13.89 13.35
AG AG IC . 15.79 -14.07 13.55
AG AG JC . 18.87 -14.19 14.38
AG AG KC . 11.43 -12.20 11.37
AG AG LC . 14.54 -12.17 12.04
AG AG MC . 17.77 -12.54 12.30
AG AG NC . 20.61 -12.94 12.50
AG AG OC . 16.26 -17.07 13.93
AG AG PC . 10.35 -14.41 10.15
AG AG QC . 11.43 -15.98 12.20
AG AG RC . 14.60 -16.02 12.18
AG AG SC . 20.52 -15.64 12.68
AG AG TC . 13.10 -14.22 10.59
AG AG UC . 16.03 -14.07 10.85
AG AG VC . 19.15 -14.26 10.61
AG AG WC . 17.71 -15.77 12.37
AG AG XC . 16.64 -10.97 10.58
AG AG YC . 15.69 -13.22 -12.53
AG AG ZC . 13.27 -12.79 -11.00
AG AG AD . 10.49 -12.27 -9.72
AG AG BD . 8.12 -11.59 -7.86
AG AG CD . 13.82 -15.12 -12.49
AG AG DD . 11.23 -14.63 -10.73
AG AG ED . 8.41 -13.97 -9.23
AG AG FD . 5.88 -13.30 -8.04
AG AG GD . 10.03 -9.19 -10.25
AG AG HD . 14.19 -13.56 -14.74
AG AG ID . 13.91 -11.37 -13.23
AG AG JD . 10.96 -11.09 -12.08
AG AG KD . 5.76 -10.78 -9.08
AG AG LD . 11.84 -13.37 -13.19
AG AG MD . 9.24 -13.12 -11.80
AG AG ND . 6.30 -12.96 -10.85
AG AG OD . 8.15 -10.93 -10.61
AG AG PD . 8.99 -16.14 -10.45
#